data_2ER8
#
_entry.id   2ER8
#
_cell.length_a   107.500
_cell.length_b   107.500
_cell.length_c   218.900
_cell.angle_alpha   90.00
_cell.angle_beta   90.00
_cell.angle_gamma   120.00
#
_symmetry.space_group_name_H-M   'P 64 2 2'
#
loop_
_entity.id
_entity.type
_entity.pdbx_description
1 polymer "5'-D(*CP*CP*CP*GP*GP*TP*AP*CP*CP*GP*GP*G)-3'"
2 polymer 'Regulatory protein LEU3'
3 non-polymer 'ZINC ION'
4 water water
#
loop_
_entity_poly.entity_id
_entity_poly.type
_entity_poly.pdbx_seq_one_letter_code
_entity_poly.pdbx_strand_id
1 'polydeoxyribonucleotide' (DC)(DC)(DC)(DG)(DG)(DT)(DA)(DC)(DC)(DG)(DG)(DG) E,F,G,H
2 'polypeptide(L)' KRKFACVECRQQKSKCDAHERAPEPCTKCAKKNVPCILKRDFRRTYKRARNEAIEKRFKELTRTLTNLTSDE A,B,C,D
#
loop_
_chem_comp.id
_chem_comp.type
_chem_comp.name
_chem_comp.formula
DA DNA linking 2'-DEOXYADENOSINE-5'-MONOPHOSPHATE 'C10 H14 N5 O6 P'
DC DNA linking 2'-DEOXYCYTIDINE-5'-MONOPHOSPHATE 'C9 H14 N3 O7 P'
DG DNA linking 2'-DEOXYGUANOSINE-5'-MONOPHOSPHATE 'C10 H14 N5 O7 P'
DT DNA linking THYMIDINE-5'-MONOPHOSPHATE 'C10 H15 N2 O8 P'
ZN non-polymer 'ZINC ION' 'Zn 2'
#
# COMPACT_ATOMS: atom_id res chain seq x y z
N LYS E 1 7.10 25.74 -3.21
CA LYS E 1 6.69 25.10 -4.50
C LYS E 1 5.88 23.83 -4.25
N ARG E 2 5.67 23.46 -2.99
CA ARG E 2 4.89 22.27 -2.65
C ARG E 2 3.40 22.62 -2.81
N LYS E 3 2.58 21.57 -2.89
CA LYS E 3 1.13 21.74 -3.06
C LYS E 3 0.44 21.66 -1.71
N PHE E 4 -0.17 22.77 -1.27
CA PHE E 4 -0.86 22.78 0.03
C PHE E 4 -2.27 22.14 -0.03
N ALA E 5 -2.75 21.59 1.09
CA ALA E 5 -4.08 20.98 1.17
C ALA E 5 -5.17 22.03 1.46
N CYS E 6 -6.40 21.71 1.07
CA CYS E 6 -7.50 22.63 1.23
C CYS E 6 -7.89 22.66 2.69
N VAL E 7 -8.50 23.78 3.07
CA VAL E 7 -8.94 24.00 4.42
C VAL E 7 -9.51 22.78 5.10
N GLU E 8 -10.61 22.27 4.57
CA GLU E 8 -11.27 21.11 5.14
C GLU E 8 -10.35 19.94 5.33
N CYS E 9 -9.53 19.61 4.34
CA CYS E 9 -8.62 18.49 4.52
C CYS E 9 -7.61 18.75 5.60
N ARG E 10 -7.18 20.00 5.73
CA ARG E 10 -6.25 20.37 6.81
C ARG E 10 -6.89 20.23 8.18
N GLN E 11 -8.13 20.69 8.27
CA GLN E 11 -8.90 20.60 9.50
C GLN E 11 -9.06 19.12 9.89
N GLN E 12 -9.26 18.27 8.89
CA GLN E 12 -9.42 16.83 9.16
C GLN E 12 -8.12 16.00 8.98
N LYS E 13 -6.99 16.69 8.78
CA LYS E 13 -5.72 16.00 8.58
C LYS E 13 -5.90 14.85 7.62
N SER E 14 -6.75 15.06 6.61
CA SER E 14 -7.00 14.02 5.60
C SER E 14 -6.26 14.29 4.26
N LYS E 15 -5.99 13.22 3.53
CA LYS E 15 -5.32 13.38 2.24
C LYS E 15 -6.21 14.24 1.33
N CYS E 16 -5.60 15.32 0.83
CA CYS E 16 -6.29 16.25 -0.05
C CYS E 16 -5.64 16.22 -1.42
N ASP E 17 -6.47 16.11 -2.44
CA ASP E 17 -6.00 16.09 -3.80
C ASP E 17 -6.51 17.34 -4.54
N ALA E 18 -7.01 18.33 -3.80
CA ALA E 18 -7.54 19.55 -4.40
C ALA E 18 -6.80 19.93 -5.66
N HIS E 19 -5.47 19.90 -5.62
CA HIS E 19 -4.65 20.28 -6.77
C HIS E 19 -4.90 19.40 -7.99
N GLU E 20 -4.58 18.11 -7.87
CA GLU E 20 -4.79 17.16 -8.96
C GLU E 20 -6.31 16.93 -9.25
N ARG E 21 -7.15 17.91 -8.92
CA ARG E 21 -8.60 17.81 -9.13
C ARG E 21 -9.12 19.03 -9.86
N ALA E 22 -8.22 19.92 -10.30
CA ALA E 22 -8.59 21.13 -11.07
C ALA E 22 -9.72 21.88 -10.38
N PRO E 23 -10.45 22.78 -11.10
CA PRO E 23 -11.56 23.54 -10.49
C PRO E 23 -12.50 22.72 -9.60
N GLU E 24 -12.66 21.45 -9.94
CA GLU E 24 -13.51 20.57 -9.18
C GLU E 24 -12.95 20.41 -7.76
N PRO E 25 -13.80 20.62 -6.73
CA PRO E 25 -13.43 20.51 -5.32
C PRO E 25 -12.67 19.23 -5.04
N CYS E 26 -11.82 19.23 -4.01
CA CYS E 26 -11.04 18.03 -3.69
C CYS E 26 -12.03 16.94 -3.38
N THR E 27 -11.61 15.71 -3.70
CA THR E 27 -12.41 14.52 -3.48
C THR E 27 -13.15 14.61 -2.15
N LYS E 28 -12.38 14.63 -1.06
CA LYS E 28 -12.90 14.71 0.29
C LYS E 28 -13.97 15.77 0.48
N CYS E 29 -13.73 16.97 -0.04
CA CYS E 29 -14.68 18.09 0.09
C CYS E 29 -15.98 17.86 -0.69
N ALA E 30 -15.84 17.23 -1.85
CA ALA E 30 -16.98 16.90 -2.66
C ALA E 30 -17.88 15.90 -1.90
N LYS E 31 -17.28 14.78 -1.49
CA LYS E 31 -18.02 13.76 -0.77
C LYS E 31 -18.73 14.32 0.45
N LYS E 32 -18.17 15.36 1.05
CA LYS E 32 -18.80 15.98 2.23
C LYS E 32 -19.76 17.06 1.76
N ASN E 33 -19.84 17.24 0.46
CA ASN E 33 -20.72 18.24 -0.12
C ASN E 33 -20.47 19.61 0.52
N VAL E 34 -19.21 20.01 0.57
CA VAL E 34 -18.81 21.28 1.15
C VAL E 34 -17.81 21.96 0.25
N PRO E 35 -17.74 23.29 0.36
CA PRO E 35 -16.83 24.12 -0.43
C PRO E 35 -15.36 23.78 -0.19
N CYS E 36 -14.64 23.51 -1.28
CA CYS E 36 -13.22 23.19 -1.16
C CYS E 36 -12.43 24.50 -1.25
N ILE E 37 -12.19 25.12 -0.10
CA ILE E 37 -11.48 26.38 -0.08
C ILE E 37 -10.00 26.22 0.20
N LEU E 38 -9.16 27.03 -0.45
CA LEU E 38 -7.70 26.98 -0.19
C LEU E 38 -7.19 28.26 0.50
N LYS E 39 -6.45 28.12 1.59
CA LYS E 39 -5.94 29.28 2.29
C LYS E 39 -4.59 28.90 2.89
N ARG E 40 -3.49 29.27 2.23
CA ARG E 40 -2.16 28.95 2.74
C ARG E 40 -1.98 29.24 4.21
N ASP E 41 -2.39 30.43 4.64
CA ASP E 41 -2.24 30.85 6.03
C ASP E 41 -3.18 30.11 7.04
N PHE E 42 -3.94 29.12 6.58
CA PHE E 42 -4.91 28.39 7.43
C PHE E 42 -4.30 27.38 8.35
N ARG E 43 -4.70 27.47 9.62
CA ARG E 43 -4.25 26.53 10.63
C ARG E 43 -5.47 25.77 11.19
N ARG E 44 -5.30 24.48 11.38
CA ARG E 44 -6.37 23.62 11.90
C ARG E 44 -6.91 24.19 13.19
N THR E 45 -7.90 23.52 13.76
CA THR E 45 -8.45 23.97 15.03
C THR E 45 -8.86 22.74 15.84
N TYR E 46 -8.32 22.66 17.05
CA TYR E 46 -8.57 21.51 17.95
C TYR E 46 -9.95 21.58 18.62
N LYS E 47 -10.90 20.83 18.07
CA LYS E 47 -12.28 20.80 18.53
C LYS E 47 -12.46 20.33 19.97
N ARG E 48 -12.00 19.12 20.25
CA ARG E 48 -12.12 18.47 21.57
C ARG E 48 -11.66 19.37 22.70
N ALA E 49 -10.56 20.09 22.48
CA ALA E 49 -10.06 21.01 23.48
C ALA E 49 -11.08 22.14 23.72
N ARG E 50 -11.37 22.88 22.65
CA ARG E 50 -12.32 23.98 22.66
C ARG E 50 -13.59 23.62 23.43
N ASN E 51 -14.11 22.42 23.18
CA ASN E 51 -15.33 21.98 23.84
C ASN E 51 -15.18 21.75 25.32
N GLU E 52 -14.14 20.99 25.69
CA GLU E 52 -13.88 20.68 27.08
C GLU E 52 -13.74 22.02 27.82
N ALA E 53 -12.94 22.92 27.24
CA ALA E 53 -12.72 24.24 27.82
C ALA E 53 -14.06 25.01 28.00
N ILE E 54 -14.83 25.11 26.93
CA ILE E 54 -16.14 25.78 26.96
C ILE E 54 -17.07 25.21 28.05
N GLU E 55 -16.98 23.90 28.30
CA GLU E 55 -17.82 23.27 29.29
C GLU E 55 -17.36 23.66 30.69
N LYS E 56 -16.05 23.77 30.91
CA LYS E 56 -15.53 24.20 32.21
C LYS E 56 -16.02 25.62 32.55
N ARG E 57 -15.59 26.62 31.76
CA ARG E 57 -15.98 28.01 31.98
C ARG E 57 -17.49 28.14 32.24
N PHE E 58 -18.24 27.18 31.72
CA PHE E 58 -19.68 27.18 31.92
C PHE E 58 -20.03 26.54 33.26
N LYS E 59 -19.46 25.36 33.53
CA LYS E 59 -19.72 24.63 34.78
C LYS E 59 -19.23 25.44 35.99
N GLU E 60 -18.13 26.21 35.83
CA GLU E 60 -17.61 27.06 36.93
C GLU E 60 -18.67 28.08 37.30
N LEU E 61 -19.28 28.64 36.27
CA LEU E 61 -20.36 29.61 36.42
C LEU E 61 -21.61 28.95 37.04
N THR E 62 -21.78 27.67 36.80
CA THR E 62 -22.93 26.96 37.33
C THR E 62 -22.79 26.74 38.84
N ARG E 63 -21.57 26.44 39.27
CA ARG E 63 -21.34 26.18 40.69
C ARG E 63 -21.45 27.46 41.48
N THR E 64 -21.02 28.57 40.89
CA THR E 64 -21.07 29.87 41.57
C THR E 64 -22.49 30.29 41.83
N LEU E 65 -23.33 30.18 40.80
CA LEU E 65 -24.74 30.56 40.92
C LEU E 65 -25.49 29.55 41.81
N THR E 66 -25.12 28.27 41.68
CA THR E 66 -25.75 27.22 42.47
C THR E 66 -25.38 27.37 43.94
N ASN E 67 -24.11 27.72 44.18
CA ASN E 67 -23.60 27.91 45.54
C ASN E 67 -24.05 29.29 46.04
N LEU E 68 -25.36 29.51 46.01
CA LEU E 68 -26.00 30.75 46.46
C LEU E 68 -27.53 30.51 46.56
N ARG F 2 2.36 1.55 12.08
CA ARG F 2 2.39 1.16 10.63
C ARG F 2 3.82 0.76 10.17
N LYS F 3 4.18 1.21 8.97
CA LYS F 3 5.49 0.96 8.37
C LYS F 3 6.44 2.13 8.66
N PHE F 4 7.11 2.10 9.82
CA PHE F 4 8.03 3.19 10.21
C PHE F 4 9.29 3.28 9.33
N ALA F 5 9.94 4.44 9.34
CA ALA F 5 11.16 4.71 8.56
C ALA F 5 12.41 4.38 9.37
N CYS F 6 13.46 3.97 8.70
CA CYS F 6 14.66 3.57 9.40
C CYS F 6 15.39 4.71 10.05
N VAL F 7 16.38 4.36 10.86
CA VAL F 7 17.14 5.35 11.59
C VAL F 7 17.76 6.43 10.72
N GLU F 8 18.55 6.03 9.73
CA GLU F 8 19.18 7.03 8.87
C GLU F 8 18.22 7.95 8.16
N CYS F 9 17.21 7.36 7.52
CA CYS F 9 16.21 8.16 6.84
C CYS F 9 15.53 9.12 7.82
N ARG F 10 15.27 8.67 9.05
CA ARG F 10 14.71 9.58 10.06
C ARG F 10 15.67 10.77 10.40
N GLN F 11 16.96 10.46 10.50
CA GLN F 11 17.96 11.46 10.81
C GLN F 11 18.07 12.46 9.66
N GLN F 12 18.01 11.94 8.44
CA GLN F 12 18.11 12.79 7.29
C GLN F 12 16.76 13.28 6.77
N LYS F 13 15.70 12.97 7.49
CA LYS F 13 14.33 13.32 7.09
C LYS F 13 14.06 13.00 5.61
N SER F 14 14.54 11.84 5.14
CA SER F 14 14.38 11.38 3.75
C SER F 14 13.37 10.23 3.60
N LYS F 15 12.80 10.10 2.40
CA LYS F 15 11.85 9.06 2.14
C LYS F 15 12.55 7.72 2.23
N CYS F 16 12.04 6.89 3.14
CA CYS F 16 12.59 5.56 3.41
C CYS F 16 11.66 4.49 2.85
N ASP F 17 12.24 3.53 2.16
CA ASP F 17 11.49 2.44 1.54
C ASP F 17 11.89 1.11 2.13
N ALA F 18 12.64 1.13 3.22
CA ALA F 18 13.08 -0.11 3.87
C ALA F 18 11.97 -1.13 4.16
N HIS F 19 10.84 -0.65 4.67
CA HIS F 19 9.72 -1.54 4.97
C HIS F 19 9.28 -2.32 3.73
N GLU F 20 9.61 -1.80 2.55
CA GLU F 20 9.26 -2.47 1.31
C GLU F 20 10.50 -3.21 0.82
N ARG F 21 11.67 -2.71 1.12
CA ARG F 21 12.91 -3.33 0.68
C ARG F 21 13.21 -4.63 1.35
N ALA F 22 12.29 -5.11 2.18
CA ALA F 22 12.47 -6.40 2.86
C ALA F 22 13.83 -6.37 3.56
N PRO F 23 14.48 -7.55 3.81
CA PRO F 23 15.81 -7.56 4.47
C PRO F 23 16.93 -6.73 3.79
N GLU F 24 16.81 -6.53 2.48
CA GLU F 24 17.78 -5.74 1.73
C GLU F 24 17.64 -4.27 2.21
N PRO F 25 18.75 -3.62 2.67
CA PRO F 25 18.79 -2.24 3.15
C PRO F 25 17.95 -1.27 2.31
N CYS F 26 17.37 -0.25 2.93
CA CYS F 26 16.56 0.67 2.14
C CYS F 26 17.46 1.36 1.13
N THR F 27 16.87 1.75 -0.01
CA THR F 27 17.62 2.41 -1.10
C THR F 27 18.61 3.41 -0.57
N LYS F 28 18.09 4.40 0.14
CA LYS F 28 18.90 5.44 0.71
C LYS F 28 20.13 4.90 1.45
N CYS F 29 19.92 4.10 2.49
CA CYS F 29 21.04 3.54 3.25
C CYS F 29 22.02 2.76 2.38
N ALA F 30 21.52 2.26 1.25
CA ALA F 30 22.35 1.52 0.32
C ALA F 30 23.19 2.52 -0.49
N LYS F 31 22.54 3.56 -1.01
CA LYS F 31 23.22 4.59 -1.77
C LYS F 31 24.32 5.26 -0.95
N LYS F 32 24.43 4.92 0.34
CA LYS F 32 25.46 5.49 1.21
C LYS F 32 26.31 4.39 1.80
N ASN F 33 26.05 3.14 1.41
CA ASN F 33 26.77 1.98 1.93
C ASN F 33 26.86 1.98 3.46
N VAL F 34 25.71 2.14 4.10
CA VAL F 34 25.64 2.18 5.55
C VAL F 34 24.50 1.32 6.06
N PRO F 35 24.76 0.58 7.15
CA PRO F 35 23.77 -0.30 7.77
C PRO F 35 22.39 0.37 7.91
N CYS F 36 21.37 -0.25 7.32
CA CYS F 36 20.00 0.28 7.40
C CYS F 36 19.40 -0.32 8.67
N ILE F 37 19.44 0.45 9.75
CA ILE F 37 18.95 -0.02 11.05
C ILE F 37 17.55 0.48 11.37
N LEU F 38 16.79 -0.32 12.13
CA LEU F 38 15.45 0.07 12.54
C LEU F 38 15.36 0.26 14.06
N LYS F 39 14.48 1.14 14.52
CA LYS F 39 14.32 1.36 15.94
C LYS F 39 13.15 2.29 16.08
N ARG F 40 11.98 1.70 16.29
CA ARG F 40 10.76 2.47 16.47
C ARG F 40 10.97 3.58 17.47
N ASP F 41 11.96 3.42 18.34
CA ASP F 41 12.21 4.41 19.37
C ASP F 41 12.98 5.65 18.89
N PHE F 42 13.94 5.46 17.96
CA PHE F 42 14.82 6.52 17.42
C PHE F 42 14.25 7.94 17.18
N ARG F 43 15.01 8.94 17.60
CA ARG F 43 14.65 10.35 17.43
C ARG F 43 15.85 11.08 16.76
N ARG F 44 15.54 11.90 15.76
CA ARG F 44 16.52 12.67 15.00
C ARG F 44 17.39 13.53 15.89
N THR F 45 18.64 13.71 15.51
CA THR F 45 19.57 14.56 16.26
C THR F 45 19.78 15.85 15.51
N TYR F 46 19.52 16.99 16.16
CA TYR F 46 19.72 18.27 15.50
C TYR F 46 21.19 18.61 15.54
N LYS F 47 21.94 18.16 14.54
CA LYS F 47 23.38 18.37 14.41
C LYS F 47 23.84 19.78 14.65
N ARG F 48 23.47 20.69 13.77
CA ARG F 48 23.84 22.10 13.83
C ARG F 48 23.84 22.63 15.25
N ALA F 49 22.70 22.49 15.93
CA ALA F 49 22.56 22.93 17.32
C ALA F 49 23.61 22.26 18.19
N ARG F 50 23.54 20.94 18.28
CA ARG F 50 24.46 20.16 19.08
C ARG F 50 25.92 20.61 18.91
N ASN F 51 26.27 20.99 17.70
CA ASN F 51 27.65 21.42 17.52
C ASN F 51 27.89 22.79 18.12
N GLU F 52 27.01 23.74 17.82
CA GLU F 52 27.16 25.08 18.36
C GLU F 52 27.30 24.94 19.88
N ALA F 53 26.52 24.03 20.48
CA ALA F 53 26.58 23.76 21.93
C ALA F 53 27.96 23.25 22.38
N ILE F 54 28.42 22.19 21.75
CA ILE F 54 29.70 21.65 22.08
C ILE F 54 30.80 22.70 21.95
N GLU F 55 30.77 23.50 20.90
CA GLU F 55 31.83 24.47 20.75
C GLU F 55 31.78 25.44 21.91
N LYS F 56 30.59 25.94 22.23
CA LYS F 56 30.41 26.89 23.32
C LYS F 56 30.82 26.26 24.62
N ARG F 57 30.23 25.11 24.94
CA ARG F 57 30.56 24.45 26.19
C ARG F 57 32.02 24.14 26.24
N PHE F 58 32.64 23.94 25.10
CA PHE F 58 34.05 23.62 25.09
C PHE F 58 34.88 24.84 25.43
N LYS F 59 34.64 25.96 24.74
CA LYS F 59 35.37 27.20 24.99
C LYS F 59 35.22 27.59 26.43
N GLU F 60 33.98 27.59 26.88
CA GLU F 60 33.70 27.95 28.25
C GLU F 60 34.55 27.12 29.20
N LEU F 61 34.71 25.85 28.91
CA LEU F 61 35.50 25.00 29.77
C LEU F 61 36.94 25.40 29.71
N THR F 62 37.52 25.36 28.51
CA THR F 62 38.90 25.75 28.36
C THR F 62 39.18 27.04 29.09
N ARG F 63 38.40 28.06 28.77
CA ARG F 63 38.55 29.37 29.38
C ARG F 63 38.61 29.27 30.89
N THR F 64 37.61 28.64 31.49
CA THR F 64 37.56 28.50 32.94
C THR F 64 38.82 27.86 33.50
N LEU F 65 39.33 26.86 32.79
CA LEU F 65 40.56 26.20 33.23
C LEU F 65 41.73 27.15 33.19
N THR F 66 41.88 27.83 32.05
CA THR F 66 42.97 28.78 31.90
C THR F 66 43.01 29.79 33.05
N ASN F 67 41.90 29.93 33.78
CA ASN F 67 41.87 30.84 34.92
C ASN F 67 42.58 30.23 36.11
N LEU F 68 43.92 30.33 36.11
CA LEU F 68 44.79 29.83 37.17
C LEU F 68 46.08 30.65 37.31
N ARG G 2 5.80 -6.91 -6.17
CA ARG G 2 4.82 -7.13 -5.07
C ARG G 2 5.33 -8.20 -4.09
N LYS G 3 4.42 -8.68 -3.22
CA LYS G 3 4.75 -9.71 -2.23
C LYS G 3 4.30 -11.10 -2.73
N PHE G 4 5.19 -12.08 -2.60
CA PHE G 4 4.80 -13.42 -3.02
C PHE G 4 4.44 -14.25 -1.79
N ALA G 5 4.07 -15.51 -2.01
CA ALA G 5 3.68 -16.40 -0.94
C ALA G 5 4.67 -17.58 -0.71
N CYS G 6 4.74 -18.00 0.55
CA CYS G 6 5.64 -19.06 0.96
C CYS G 6 5.18 -20.37 0.37
N VAL G 7 6.10 -21.32 0.27
CA VAL G 7 5.78 -22.61 -0.28
C VAL G 7 4.52 -23.27 0.31
N GLU G 8 4.39 -23.30 1.62
CA GLU G 8 3.22 -23.93 2.21
C GLU G 8 1.94 -23.24 1.83
N CYS G 9 1.91 -21.92 1.99
CA CYS G 9 0.72 -21.16 1.64
C CYS G 9 0.39 -21.30 0.16
N ARG G 10 1.41 -21.51 -0.68
CA ARG G 10 1.16 -21.70 -2.11
C ARG G 10 0.55 -23.08 -2.31
N GLN G 11 0.92 -24.02 -1.47
CA GLN G 11 0.41 -25.35 -1.60
C GLN G 11 -1.02 -25.40 -1.13
N GLN G 12 -1.33 -24.64 -0.10
CA GLN G 12 -2.69 -24.66 0.43
C GLN G 12 -3.51 -23.49 -0.09
N LYS G 13 -2.93 -22.75 -1.03
CA LYS G 13 -3.59 -21.61 -1.63
C LYS G 13 -4.27 -20.77 -0.56
N SER G 14 -3.52 -20.42 0.48
CA SER G 14 -4.04 -19.63 1.59
C SER G 14 -3.33 -18.30 1.70
N LYS G 15 -3.97 -17.36 2.38
CA LYS G 15 -3.38 -16.04 2.53
C LYS G 15 -2.06 -16.09 3.31
N CYS G 16 -0.96 -15.77 2.63
CA CYS G 16 0.35 -15.77 3.24
C CYS G 16 0.69 -14.34 3.60
N ASP G 17 1.31 -14.18 4.77
CA ASP G 17 1.69 -12.86 5.27
C ASP G 17 3.21 -12.77 5.46
N ALA G 18 3.97 -13.67 4.85
CA ALA G 18 5.42 -13.62 4.96
C ALA G 18 6.00 -12.21 4.70
N HIS G 19 5.63 -11.58 3.59
CA HIS G 19 6.14 -10.24 3.23
C HIS G 19 5.70 -9.17 4.20
N GLU G 20 5.30 -9.58 5.39
CA GLU G 20 4.85 -8.68 6.45
C GLU G 20 5.42 -9.21 7.78
N ARG G 21 5.21 -10.50 8.08
CA ARG G 21 5.71 -11.12 9.31
C ARG G 21 7.25 -11.11 9.32
N ALA G 22 7.87 -10.27 8.48
CA ALA G 22 9.34 -10.11 8.43
C ALA G 22 10.02 -11.47 8.49
N PRO G 23 11.26 -11.58 9.01
CA PRO G 23 11.95 -12.87 9.09
C PRO G 23 11.24 -14.00 9.83
N GLU G 24 10.48 -13.67 10.85
CA GLU G 24 9.73 -14.68 11.59
C GLU G 24 8.73 -15.32 10.62
N PRO G 25 8.68 -16.67 10.56
CA PRO G 25 7.77 -17.41 9.67
C PRO G 25 6.38 -16.81 9.54
N CYS G 26 5.74 -17.03 8.39
CA CYS G 26 4.42 -16.47 8.14
C CYS G 26 3.47 -17.10 9.13
N THR G 27 2.43 -16.37 9.48
CA THR G 27 1.45 -16.85 10.44
C THR G 27 1.02 -18.30 10.24
N LYS G 28 0.64 -18.66 9.02
CA LYS G 28 0.21 -20.01 8.70
C LYS G 28 1.26 -21.08 9.03
N CYS G 29 2.49 -20.90 8.52
CA CYS G 29 3.58 -21.85 8.76
C CYS G 29 3.83 -21.99 10.26
N ALA G 30 3.51 -20.93 10.98
CA ALA G 30 3.68 -20.91 12.43
C ALA G 30 2.59 -21.76 13.11
N LYS G 31 1.32 -21.44 12.83
CA LYS G 31 0.18 -22.18 13.39
C LYS G 31 0.21 -23.66 12.99
N LYS G 32 1.39 -24.16 12.61
CA LYS G 32 1.56 -25.56 12.24
C LYS G 32 3.00 -25.98 12.48
N ASN G 33 3.73 -25.14 13.21
CA ASN G 33 5.15 -25.36 13.52
C ASN G 33 5.87 -26.10 12.38
N VAL G 34 6.17 -25.35 11.31
CA VAL G 34 6.89 -25.84 10.12
C VAL G 34 7.75 -24.73 9.46
N PRO G 35 8.80 -25.14 8.75
CA PRO G 35 9.72 -24.22 8.07
C PRO G 35 9.03 -23.33 7.02
N CYS G 36 8.97 -22.03 7.28
CA CYS G 36 8.34 -21.10 6.33
C CYS G 36 9.33 -20.83 5.17
N ILE G 37 9.26 -21.66 4.14
CA ILE G 37 10.18 -21.57 3.01
C ILE G 37 9.68 -20.65 1.89
N LEU G 38 10.63 -20.04 1.17
CA LEU G 38 10.31 -19.17 0.04
C LEU G 38 11.09 -19.63 -1.20
N LYS G 39 10.41 -19.98 -2.27
CA LYS G 39 11.04 -20.41 -3.52
C LYS G 39 10.15 -19.86 -4.60
N ARG G 40 10.53 -18.73 -5.19
CA ARG G 40 9.73 -18.06 -6.21
C ARG G 40 9.25 -18.97 -7.33
N ASP G 41 9.96 -20.09 -7.52
CA ASP G 41 9.63 -21.04 -8.58
C ASP G 41 8.77 -22.21 -8.15
N PHE G 42 8.45 -22.27 -6.86
CA PHE G 42 7.62 -23.37 -6.35
C PHE G 42 6.24 -23.45 -6.98
N ARG G 43 5.85 -24.67 -7.29
CA ARG G 43 4.55 -24.95 -7.90
C ARG G 43 3.80 -25.97 -7.03
N ARG G 44 2.56 -25.65 -6.70
CA ARG G 44 1.69 -26.48 -5.88
C ARG G 44 1.64 -27.91 -6.37
N THR G 45 1.37 -28.83 -5.44
CA THR G 45 1.26 -30.24 -5.80
C THR G 45 -0.20 -30.64 -5.68
N TYR G 46 -0.74 -31.30 -6.70
CA TYR G 46 -2.14 -31.70 -6.67
C TYR G 46 -2.30 -33.07 -5.99
N LYS G 47 -2.39 -33.04 -4.68
CA LYS G 47 -2.53 -34.23 -3.82
C LYS G 47 -3.49 -35.27 -4.34
N ARG G 48 -4.76 -35.05 -4.12
CA ARG G 48 -5.82 -35.95 -4.57
C ARG G 48 -5.48 -36.64 -5.88
N ALA G 49 -5.12 -35.89 -6.91
CA ALA G 49 -4.78 -36.48 -8.20
C ALA G 49 -3.62 -37.46 -8.03
N ARG G 50 -2.58 -36.99 -7.34
CA ARG G 50 -1.37 -37.75 -7.06
C ARG G 50 -1.70 -39.04 -6.34
N ASN G 51 -2.49 -38.96 -5.27
CA ASN G 51 -2.84 -40.15 -4.54
C ASN G 51 -3.51 -41.14 -5.46
N GLU G 52 -4.46 -40.67 -6.26
CA GLU G 52 -5.18 -41.55 -7.17
C GLU G 52 -4.19 -42.23 -8.09
N ALA G 53 -3.25 -41.47 -8.62
CA ALA G 53 -2.24 -41.98 -9.53
C ALA G 53 -1.39 -43.08 -8.87
N ILE G 54 -1.04 -42.90 -7.61
CA ILE G 54 -0.25 -43.89 -6.89
C ILE G 54 -1.03 -45.18 -6.80
N GLU G 55 -2.24 -45.12 -6.25
CA GLU G 55 -3.06 -46.32 -6.12
C GLU G 55 -3.20 -47.05 -7.45
N LYS G 56 -3.24 -46.32 -8.55
CA LYS G 56 -3.36 -46.96 -9.85
C LYS G 56 -2.02 -47.47 -10.30
N ARG G 57 -1.04 -46.57 -10.44
CA ARG G 57 0.31 -46.94 -10.85
C ARG G 57 0.83 -48.05 -9.94
N PHE G 58 0.24 -48.18 -8.76
CA PHE G 58 0.64 -49.22 -7.82
C PHE G 58 -0.11 -50.51 -8.15
N LYS G 59 -1.44 -50.47 -8.03
CA LYS G 59 -2.28 -51.64 -8.32
C LYS G 59 -1.95 -52.22 -9.70
N GLU G 60 -1.55 -51.35 -10.63
CA GLU G 60 -1.23 -51.75 -12.00
C GLU G 60 -0.01 -52.63 -12.07
N LEU G 61 0.85 -52.54 -11.05
CA LEU G 61 2.07 -53.35 -11.03
C LEU G 61 1.89 -54.64 -10.21
N THR G 62 1.47 -54.50 -8.96
CA THR G 62 1.25 -55.67 -8.12
C THR G 62 0.28 -56.68 -8.79
N ARG G 63 -0.44 -56.19 -9.81
CA ARG G 63 -1.36 -57.03 -10.56
C ARG G 63 -0.54 -57.92 -11.49
N THR G 64 0.42 -57.31 -12.20
CA THR G 64 1.28 -58.05 -13.12
C THR G 64 2.34 -58.84 -12.35
N LEU G 65 2.04 -59.10 -11.08
CA LEU G 65 2.93 -59.84 -10.21
C LEU G 65 2.16 -60.99 -9.57
N LYS H 1 -21.44 -15.66 -0.99
CA LYS H 1 -21.14 -15.73 -2.46
C LYS H 1 -19.93 -14.84 -2.78
N ARG H 2 -19.12 -15.28 -3.72
CA ARG H 2 -17.94 -14.53 -4.14
C ARG H 2 -18.36 -13.39 -5.09
N LYS H 3 -17.76 -12.22 -4.87
CA LYS H 3 -18.05 -11.04 -5.69
C LYS H 3 -17.31 -11.13 -7.01
N PHE H 4 -17.99 -10.89 -8.15
CA PHE H 4 -17.27 -10.94 -9.43
C PHE H 4 -17.13 -9.55 -10.12
N ALA H 5 -16.38 -9.53 -11.21
CA ALA H 5 -16.09 -8.32 -11.96
C ALA H 5 -16.82 -8.22 -13.28
N CYS H 6 -17.14 -6.99 -13.67
CA CYS H 6 -17.88 -6.72 -14.88
C CYS H 6 -17.03 -7.06 -16.10
N VAL H 7 -17.66 -7.16 -17.27
CA VAL H 7 -16.96 -7.47 -18.51
C VAL H 7 -15.79 -6.56 -18.86
N GLU H 8 -15.97 -5.25 -18.72
CA GLU H 8 -14.89 -4.33 -19.06
C GLU H 8 -13.69 -4.53 -18.15
N CYS H 9 -13.99 -4.64 -16.87
CA CYS H 9 -12.94 -4.80 -15.91
C CYS H 9 -12.24 -6.11 -16.11
N ARG H 10 -12.95 -7.13 -16.60
CA ARG H 10 -12.29 -8.42 -16.90
C ARG H 10 -11.38 -8.29 -18.11
N GLN H 11 -11.82 -7.55 -19.12
CA GLN H 11 -11.03 -7.35 -20.30
C GLN H 11 -9.72 -6.65 -19.93
N GLN H 12 -9.87 -5.60 -19.12
CA GLN H 12 -8.74 -4.80 -18.70
C GLN H 12 -8.03 -5.29 -17.43
N LYS H 13 -8.41 -6.48 -16.95
CA LYS H 13 -7.85 -7.08 -15.74
C LYS H 13 -7.65 -6.01 -14.65
N SER H 14 -8.64 -5.13 -14.48
CA SER H 14 -8.57 -4.07 -13.45
C SER H 14 -9.57 -4.27 -12.30
N LYS H 15 -9.29 -3.70 -11.13
CA LYS H 15 -10.19 -3.85 -9.99
C LYS H 15 -11.60 -3.38 -10.29
N CYS H 16 -12.58 -4.26 -10.08
CA CYS H 16 -13.97 -3.92 -10.38
C CYS H 16 -14.79 -3.87 -9.14
N ASP H 17 -15.40 -2.70 -8.87
CA ASP H 17 -16.21 -2.52 -7.69
C ASP H 17 -17.69 -2.68 -8.02
N ALA H 18 -18.00 -3.52 -9.00
CA ALA H 18 -19.39 -3.75 -9.36
C ALA H 18 -20.24 -4.24 -8.17
N HIS H 19 -19.97 -5.47 -7.70
CA HIS H 19 -20.72 -6.05 -6.58
C HIS H 19 -21.08 -5.03 -5.53
N GLU H 20 -20.16 -4.10 -5.26
CA GLU H 20 -20.43 -3.05 -4.26
C GLU H 20 -21.36 -1.93 -4.79
N ARG H 21 -21.03 -1.31 -5.93
CA ARG H 21 -21.83 -0.19 -6.48
C ARG H 21 -23.27 -0.57 -6.84
N ALA H 22 -23.67 -1.81 -6.52
CA ALA H 22 -25.04 -2.27 -6.78
C ALA H 22 -25.39 -2.00 -8.25
N PRO H 23 -26.70 -1.84 -8.61
CA PRO H 23 -27.02 -1.59 -10.02
C PRO H 23 -26.24 -0.50 -10.75
N GLU H 24 -25.85 0.54 -10.03
CA GLU H 24 -25.07 1.61 -10.64
C GLU H 24 -23.77 1.03 -11.22
N PRO H 25 -23.39 1.42 -12.44
CA PRO H 25 -22.17 0.93 -13.07
C PRO H 25 -20.99 0.98 -12.13
N CYS H 26 -20.05 0.05 -12.30
CA CYS H 26 -18.84 0.02 -11.47
C CYS H 26 -18.09 1.31 -11.78
N THR H 27 -17.35 1.82 -10.79
CA THR H 27 -16.61 3.08 -10.95
C THR H 27 -15.87 3.21 -12.28
N LYS H 28 -15.10 2.18 -12.64
CA LYS H 28 -14.32 2.18 -13.86
C LYS H 28 -15.18 2.44 -15.08
N CYS H 29 -16.22 1.61 -15.25
CA CYS H 29 -17.15 1.72 -16.38
C CYS H 29 -17.82 3.08 -16.41
N ALA H 30 -18.11 3.62 -15.22
CA ALA H 30 -18.70 4.95 -15.11
C ALA H 30 -17.75 6.03 -15.63
N LYS H 31 -16.54 6.11 -15.07
CA LYS H 31 -15.55 7.11 -15.44
C LYS H 31 -15.22 7.03 -16.91
N LYS H 32 -15.46 5.88 -17.51
CA LYS H 32 -15.20 5.67 -18.94
C LYS H 32 -16.50 5.84 -19.74
N ASN H 33 -17.61 5.82 -19.02
CA ASN H 33 -18.97 5.93 -19.58
C ASN H 33 -19.27 4.90 -20.66
N VAL H 34 -19.24 3.64 -20.27
CA VAL H 34 -19.52 2.58 -21.21
C VAL H 34 -20.42 1.64 -20.46
N PRO H 35 -21.09 0.76 -21.17
CA PRO H 35 -21.98 -0.18 -20.51
C PRO H 35 -21.26 -1.12 -19.54
N CYS H 36 -21.74 -1.17 -18.30
CA CYS H 36 -21.15 -2.07 -17.32
C CYS H 36 -21.95 -3.37 -17.40
N ILE H 37 -21.42 -4.36 -18.10
CA ILE H 37 -22.12 -5.62 -18.26
C ILE H 37 -21.62 -6.66 -17.28
N LEU H 38 -22.52 -7.52 -16.79
CA LEU H 38 -22.16 -8.58 -15.86
C LEU H 38 -22.44 -9.91 -16.55
N LYS H 39 -21.45 -10.48 -17.20
CA LYS H 39 -21.64 -11.76 -17.88
C LYS H 39 -20.74 -12.78 -17.17
N ARG H 40 -21.33 -13.53 -16.26
CA ARG H 40 -20.62 -14.51 -15.47
C ARG H 40 -19.69 -15.41 -16.23
N ASP H 41 -19.86 -15.52 -17.53
CA ASP H 41 -19.01 -16.40 -18.30
C ASP H 41 -18.17 -15.70 -19.33
N PHE H 42 -18.01 -14.39 -19.18
CA PHE H 42 -17.22 -13.64 -20.16
C PHE H 42 -15.74 -13.94 -20.02
N ARG H 43 -15.04 -14.08 -21.14
CA ARG H 43 -13.60 -14.32 -21.13
C ARG H 43 -12.88 -13.21 -21.91
N ARG H 44 -11.79 -12.73 -21.31
CA ARG H 44 -10.96 -11.67 -21.87
C ARG H 44 -10.53 -12.01 -23.27
N THR H 45 -10.16 -10.99 -24.01
CA THR H 45 -9.65 -11.15 -25.38
C THR H 45 -8.25 -10.61 -25.48
N TYR H 46 -7.32 -11.46 -25.88
CA TYR H 46 -5.92 -11.07 -26.04
C TYR H 46 -5.77 -10.35 -27.36
N LYS H 47 -5.94 -9.03 -27.30
CA LYS H 47 -5.86 -8.10 -28.44
C LYS H 47 -4.56 -8.19 -29.21
N ARG H 48 -3.45 -7.88 -28.55
CA ARG H 48 -2.15 -7.90 -29.19
C ARG H 48 -1.96 -9.20 -29.98
N ALA H 49 -2.32 -10.34 -29.39
CA ALA H 49 -2.11 -11.61 -30.07
C ALA H 49 -3.07 -11.78 -31.21
N ARG H 50 -4.27 -11.27 -31.02
CA ARG H 50 -5.31 -11.37 -32.02
C ARG H 50 -4.86 -10.60 -33.24
N ASN H 51 -4.31 -9.41 -33.05
CA ASN H 51 -3.84 -8.62 -34.19
C ASN H 51 -2.69 -9.27 -34.88
N GLU H 52 -1.66 -9.66 -34.15
CA GLU H 52 -0.50 -10.28 -34.75
C GLU H 52 -0.97 -11.42 -35.63
N ALA H 53 -2.00 -12.12 -35.16
CA ALA H 53 -2.57 -13.25 -35.87
C ALA H 53 -3.09 -12.79 -37.21
N ILE H 54 -4.00 -11.83 -37.20
CA ILE H 54 -4.60 -11.31 -38.42
C ILE H 54 -3.55 -10.79 -39.39
N GLU H 55 -2.57 -10.04 -38.90
CA GLU H 55 -1.53 -9.53 -39.79
C GLU H 55 -0.78 -10.68 -40.42
N LYS H 56 -0.70 -11.79 -39.74
CA LYS H 56 0.00 -12.92 -40.33
C LYS H 56 -0.82 -13.51 -41.49
N ARG H 57 -2.10 -13.79 -41.27
CA ARG H 57 -2.99 -14.36 -42.29
C ARG H 57 -2.92 -13.46 -43.50
N PHE H 58 -3.13 -12.17 -43.28
CA PHE H 58 -3.11 -11.22 -44.36
C PHE H 58 -1.79 -11.25 -45.15
N LYS H 59 -0.67 -11.05 -44.46
CA LYS H 59 0.65 -11.06 -45.10
C LYS H 59 0.86 -12.35 -45.92
N GLU H 60 0.53 -13.52 -45.33
CA GLU H 60 0.65 -14.83 -45.99
C GLU H 60 -0.23 -14.80 -47.25
N LEU H 61 -1.54 -14.70 -47.07
CA LEU H 61 -2.46 -14.61 -48.20
C LEU H 61 -1.94 -13.70 -49.33
N THR H 62 -1.61 -12.45 -49.00
CA THR H 62 -1.08 -11.52 -50.01
C THR H 62 0.07 -12.14 -50.81
N ARG H 63 1.12 -12.63 -50.14
CA ARG H 63 2.25 -13.25 -50.85
C ARG H 63 1.76 -14.28 -51.89
N THR H 64 0.76 -15.08 -51.52
CA THR H 64 0.19 -16.07 -52.42
C THR H 64 -0.31 -15.41 -53.70
N LEU H 65 -1.10 -14.34 -53.57
CA LEU H 65 -1.66 -13.63 -54.73
C LEU H 65 -0.60 -12.86 -55.51
N THR H 66 0.49 -12.53 -54.85
CA THR H 66 1.53 -11.79 -55.53
C THR H 66 2.37 -12.77 -56.32
N ASN H 67 2.40 -14.01 -55.85
CA ASN H 67 3.14 -15.09 -56.51
C ASN H 67 2.29 -15.84 -57.57
N LEU H 68 1.19 -15.20 -58.04
CA LEU H 68 0.31 -15.75 -59.07
C LEU H 68 -0.03 -14.62 -60.06
ZN ZN I . -11.35 20.53 -0.32
ZN ZN J . -8.89 18.67 0.22
ZN ZN K . 17.78 2.66 5.65
ZN ZN L . 15.44 4.20 5.19
ZN ZN M . 4.94 -19.66 5.59
ZN ZN N . 2.77 -18.40 4.11
ZN ZN O . -18.22 -2.05 -15.13
ZN ZN P . -15.90 -3.09 -13.44
#